data_5XE3
#
_entry.id   5XE3
#
_cell.length_a   60.473
_cell.length_b   70.018
_cell.length_c   76.754
_cell.angle_alpha   90.000
_cell.angle_beta   113.280
_cell.angle_gamma   90.000
#
_symmetry.space_group_name_H-M   'P 1 21 1'
#
loop_
_entity.id
_entity.type
_entity.pdbx_description
1 polymer 'Endoribonuclease MazF4'
2 polymer 'Probable antitoxin MazE4'
3 water water
#
loop_
_entity_poly.entity_id
_entity_poly.type
_entity_poly.pdbx_seq_one_letter_code
_entity_poly.pdbx_strand_id
1 'polypeptide(L)'
;EFMNAPLRGQVYRCDLGYGAKPWLIVSNNARNRHTADVVAVRLTTTRRTIPTWVAMGPSDPLTGYVNADNIETLGKDELG
DYLGEVTPATMNKINTALATALGLPWP
;
C,D,A,B
2 'polypeptide(L)'
;MTVRLDQQTRQRLQDIVKGGYRSANAAIVDAINKRWEALHDEQLDAAYAAAIHDNPAYPYESEAERSAARARRNARQQRS
A
;
F,E
#
# COMPACT_ATOMS: atom_id res chain seq x y z
N ALA A 5 -25.86 -31.15 12.20
CA ALA A 5 -27.21 -30.68 11.71
C ALA A 5 -27.26 -29.31 10.98
N PRO A 6 -26.65 -28.21 11.52
CA PRO A 6 -26.94 -26.90 10.87
C PRO A 6 -26.30 -26.78 9.49
N LEU A 7 -26.94 -25.99 8.63
CA LEU A 7 -26.54 -25.88 7.25
C LEU A 7 -26.27 -24.43 6.85
N ARG A 8 -25.38 -24.30 5.88
CA ARG A 8 -25.07 -23.03 5.29
C ARG A 8 -26.36 -22.45 4.62
N GLY A 9 -26.67 -21.21 4.96
CA GLY A 9 -27.90 -20.55 4.54
C GLY A 9 -28.89 -20.37 5.68
N GLN A 10 -28.87 -21.24 6.71
CA GLN A 10 -29.85 -21.16 7.82
C GLN A 10 -29.54 -19.99 8.75
N VAL A 11 -30.58 -19.31 9.21
CA VAL A 11 -30.49 -18.20 10.19
C VAL A 11 -31.00 -18.76 11.49
N TYR A 12 -30.23 -18.51 12.56
CA TYR A 12 -30.61 -18.89 13.91
C TYR A 12 -30.54 -17.69 14.81
N ARG A 13 -31.34 -17.67 15.86
CA ARG A 13 -31.18 -16.65 16.89
C ARG A 13 -30.10 -17.11 17.87
N CYS A 14 -29.32 -16.17 18.37
CA CYS A 14 -28.28 -16.48 19.36
C CYS A 14 -27.93 -15.22 20.19
N ASP A 15 -27.73 -15.43 21.48
CA ASP A 15 -27.31 -14.39 22.41
C ASP A 15 -25.80 -14.52 22.70
N LEU A 16 -25.03 -13.54 22.24
CA LEU A 16 -23.57 -13.52 22.44
C LEU A 16 -23.15 -12.76 23.68
N GLY A 17 -24.11 -12.18 24.38
CA GLY A 17 -23.87 -11.43 25.59
C GLY A 17 -24.51 -10.07 25.58
N TYR A 18 -25.33 -9.77 24.58
CA TYR A 18 -26.01 -8.49 24.48
C TYR A 18 -27.40 -8.64 23.86
N GLY A 19 -28.06 -9.75 24.15
CA GLY A 19 -29.41 -10.01 23.68
C GLY A 19 -29.37 -10.89 22.45
N ALA A 20 -30.49 -11.57 22.20
CA ALA A 20 -30.60 -12.58 21.17
C ALA A 20 -30.69 -11.92 19.78
N LYS A 21 -29.79 -12.30 18.88
CA LYS A 21 -29.74 -11.76 17.55
C LYS A 21 -29.82 -12.84 16.49
N PRO A 22 -30.34 -12.49 15.31
CA PRO A 22 -30.32 -13.44 14.20
C PRO A 22 -28.89 -13.58 13.58
N TRP A 23 -28.47 -14.79 13.22
CA TRP A 23 -27.13 -15.07 12.68
C TRP A 23 -27.24 -16.01 11.50
N LEU A 24 -26.59 -15.68 10.39
CA LEU A 24 -26.61 -16.53 9.20
C LEU A 24 -25.34 -17.40 9.11
N ILE A 25 -25.53 -18.68 9.06
CA ILE A 25 -24.41 -19.58 8.96
C ILE A 25 -23.76 -19.41 7.58
N VAL A 26 -22.43 -19.26 7.58
CA VAL A 26 -21.64 -19.21 6.35
C VAL A 26 -20.56 -20.30 6.29
N SER A 27 -20.15 -20.85 7.42
CA SER A 27 -19.35 -22.11 7.44
C SER A 27 -19.85 -23.17 6.45
N ASN A 28 -18.96 -23.90 5.79
CA ASN A 28 -19.44 -25.01 4.92
C ASN A 28 -20.02 -26.17 5.72
N ASN A 29 -20.79 -27.02 5.04
CA ASN A 29 -21.57 -28.09 5.71
C ASN A 29 -20.77 -29.22 6.34
N ALA A 30 -19.66 -29.63 5.73
CA ALA A 30 -18.75 -30.57 6.35
C ALA A 30 -18.26 -30.06 7.69
N ARG A 31 -17.73 -28.84 7.75
CA ARG A 31 -17.39 -28.22 9.06
C ARG A 31 -18.56 -28.31 10.02
N ASN A 32 -19.76 -27.99 9.54
CA ASN A 32 -20.90 -27.88 10.46
C ASN A 32 -21.35 -29.23 11.06
N ARG A 33 -21.14 -30.34 10.33
CA ARG A 33 -21.45 -31.68 10.86
C ARG A 33 -20.45 -32.14 11.92
N HIS A 34 -19.15 -32.00 11.63
CA HIS A 34 -18.09 -32.59 12.49
C HIS A 34 -17.61 -31.78 13.69
N THR A 35 -17.65 -30.46 13.58
CA THR A 35 -17.15 -29.51 14.58
C THR A 35 -18.26 -29.13 15.57
N ALA A 36 -17.87 -28.67 16.76
CA ALA A 36 -18.81 -28.17 17.78
C ALA A 36 -19.37 -26.75 17.54
N ASP A 37 -18.76 -25.98 16.64
CA ASP A 37 -19.20 -24.59 16.40
C ASP A 37 -19.31 -24.28 14.91
N VAL A 38 -19.96 -23.16 14.62
CA VAL A 38 -20.14 -22.70 13.26
C VAL A 38 -19.75 -21.25 13.15
N VAL A 39 -19.49 -20.85 11.91
CA VAL A 39 -19.19 -19.48 11.58
C VAL A 39 -20.44 -18.87 10.98
N ALA A 40 -20.78 -17.67 11.47
CA ALA A 40 -21.97 -17.00 11.06
C ALA A 40 -21.74 -15.49 10.92
N VAL A 41 -22.65 -14.81 10.20
CA VAL A 41 -22.63 -13.34 10.04
C VAL A 41 -23.92 -12.74 10.61
N ARG A 42 -23.78 -11.54 11.14
CA ARG A 42 -24.87 -10.91 11.87
C ARG A 42 -25.94 -10.44 10.86
N LEU A 43 -27.19 -10.75 11.18
CA LEU A 43 -28.34 -10.12 10.53
C LEU A 43 -28.73 -8.97 11.40
N THR A 44 -29.14 -7.88 10.80
CA THR A 44 -29.39 -6.69 11.56
C THR A 44 -30.54 -5.92 10.93
N THR A 45 -31.08 -4.96 11.69
CA THR A 45 -32.13 -4.06 11.20
C THR A 45 -31.55 -2.72 10.78
N THR A 46 -30.39 -2.39 11.33
CA THR A 46 -29.64 -1.21 10.87
C THR A 46 -29.36 -1.33 9.38
N ARG A 47 -29.20 -0.18 8.75
CA ARG A 47 -29.09 -0.07 7.31
C ARG A 47 -27.86 0.77 7.00
N ARG A 48 -26.88 0.15 6.38
CA ARG A 48 -25.65 0.83 6.00
C ARG A 48 -25.40 0.54 4.52
N THR A 49 -24.80 1.50 3.82
CA THR A 49 -24.56 1.39 2.36
C THR A 49 -23.05 1.16 2.20
N ILE A 50 -22.68 -0.10 2.05
CA ILE A 50 -21.28 -0.53 1.97
C ILE A 50 -21.34 -1.87 1.26
N PRO A 51 -20.35 -2.17 0.44
CA PRO A 51 -20.53 -3.42 -0.32
C PRO A 51 -20.49 -4.73 0.50
N THR A 52 -19.99 -4.69 1.74
CA THR A 52 -20.07 -5.85 2.64
C THR A 52 -21.45 -6.13 3.23
N TRP A 53 -22.43 -5.30 2.92
CA TRP A 53 -23.80 -5.53 3.38
C TRP A 53 -24.74 -5.94 2.26
N VAL A 54 -25.70 -6.80 2.58
CA VAL A 54 -26.68 -7.26 1.63
C VAL A 54 -28.07 -7.18 2.22
N ALA A 55 -29.02 -6.72 1.41
CA ALA A 55 -30.40 -6.57 1.86
C ALA A 55 -31.14 -7.85 1.60
N MET A 56 -31.96 -8.30 2.55
CA MET A 56 -32.80 -9.47 2.34
C MET A 56 -33.91 -9.14 1.35
N GLY A 57 -34.43 -10.21 0.73
CA GLY A 57 -35.57 -10.16 -0.16
C GLY A 57 -36.84 -10.77 0.45
N PRO A 58 -37.99 -10.67 -0.26
CA PRO A 58 -39.30 -11.05 0.25
C PRO A 58 -39.44 -12.51 0.62
N SER A 59 -38.71 -13.41 -0.03
CA SER A 59 -38.82 -14.81 0.39
C SER A 59 -37.68 -15.21 1.32
N ASP A 60 -36.93 -14.21 1.80
CA ASP A 60 -35.94 -14.44 2.87
C ASP A 60 -36.59 -14.51 4.27
N PRO A 61 -35.93 -15.22 5.22
CA PRO A 61 -36.45 -15.37 6.59
C PRO A 61 -36.89 -14.06 7.26
N LEU A 62 -36.21 -12.93 7.02
CA LEU A 62 -36.62 -11.70 7.74
C LEU A 62 -36.24 -10.42 7.08
N THR A 63 -36.72 -9.33 7.66
CA THR A 63 -36.37 -8.00 7.17
C THR A 63 -35.05 -7.53 7.75
N GLY A 64 -34.25 -6.90 6.91
CA GLY A 64 -33.05 -6.26 7.30
C GLY A 64 -31.90 -6.56 6.35
N TYR A 65 -30.72 -6.74 6.93
CA TYR A 65 -29.46 -6.75 6.22
C TYR A 65 -28.49 -7.81 6.76
N VAL A 66 -27.54 -8.24 5.93
CA VAL A 66 -26.43 -9.07 6.41
C VAL A 66 -25.18 -8.27 6.35
N ASN A 67 -24.51 -8.11 7.49
CA ASN A 67 -23.20 -7.48 7.60
C ASN A 67 -22.09 -8.57 7.62
N ALA A 68 -21.27 -8.65 6.56
CA ALA A 68 -20.26 -9.69 6.39
C ALA A 68 -18.93 -9.28 6.98
N ASP A 69 -18.82 -8.04 7.48
CA ASP A 69 -17.63 -7.66 8.22
C ASP A 69 -17.64 -8.22 9.63
N ASN A 70 -18.77 -8.73 10.10
CA ASN A 70 -18.94 -9.10 11.50
C ASN A 70 -19.19 -10.58 11.49
N ILE A 71 -18.09 -11.30 11.37
CA ILE A 71 -18.08 -12.75 11.39
C ILE A 71 -17.84 -13.25 12.81
N GLU A 72 -18.55 -14.27 13.26
CA GLU A 72 -18.47 -14.74 14.64
C GLU A 72 -18.51 -16.22 14.61
N THR A 73 -17.91 -16.86 15.63
CA THR A 73 -18.00 -18.32 15.87
C THR A 73 -19.03 -18.61 16.97
N LEU A 74 -19.99 -19.51 16.67
CA LEU A 74 -21.09 -19.83 17.57
C LEU A 74 -21.15 -21.30 17.78
N GLY A 75 -21.24 -21.69 19.04
CA GLY A 75 -21.39 -23.07 19.38
C GLY A 75 -22.70 -23.61 18.91
N LYS A 76 -22.70 -24.85 18.45
CA LYS A 76 -23.98 -25.50 18.12
C LYS A 76 -24.99 -25.42 19.28
N ASP A 77 -24.55 -25.81 20.49
CA ASP A 77 -25.39 -25.64 21.70
C ASP A 77 -25.96 -24.23 21.94
N GLU A 78 -25.30 -23.20 21.43
CA GLU A 78 -25.77 -21.84 21.55
C GLU A 78 -26.88 -21.48 20.57
N LEU A 79 -27.08 -22.31 19.53
CA LEU A 79 -28.05 -21.99 18.51
C LEU A 79 -29.51 -22.06 19.03
N GLY A 80 -30.24 -20.95 18.94
CA GLY A 80 -31.62 -20.83 19.41
C GLY A 80 -32.63 -21.12 18.31
N ASP A 81 -33.60 -20.24 18.13
CA ASP A 81 -34.74 -20.48 17.22
C ASP A 81 -34.33 -20.42 15.76
N TYR A 82 -34.79 -21.41 14.98
CA TYR A 82 -34.56 -21.48 13.55
C TYR A 82 -35.49 -20.56 12.83
N LEU A 83 -34.94 -19.51 12.23
CA LEU A 83 -35.75 -18.52 11.56
C LEU A 83 -35.95 -18.75 10.05
N GLY A 84 -35.48 -19.87 9.51
CA GLY A 84 -35.51 -20.09 8.07
C GLY A 84 -34.11 -20.09 7.41
N GLU A 85 -34.15 -20.05 6.07
CA GLU A 85 -33.02 -20.18 5.21
C GLU A 85 -33.10 -19.05 4.18
N VAL A 86 -31.97 -18.42 3.82
CA VAL A 86 -31.96 -17.35 2.79
C VAL A 86 -32.13 -17.93 1.38
N THR A 87 -32.56 -17.09 0.43
CA THR A 87 -32.76 -17.55 -0.99
C THR A 87 -31.40 -17.76 -1.68
N PRO A 88 -31.32 -18.60 -2.75
CA PRO A 88 -29.97 -18.71 -3.30
C PRO A 88 -29.49 -17.40 -3.92
N ALA A 89 -30.42 -16.56 -4.37
CA ALA A 89 -30.06 -15.23 -4.89
C ALA A 89 -29.43 -14.36 -3.84
N THR A 90 -30.01 -14.36 -2.65
CA THR A 90 -29.46 -13.61 -1.51
C THR A 90 -28.08 -14.20 -1.04
N MET A 91 -27.98 -15.51 -0.95
CA MET A 91 -26.72 -16.24 -0.67
C MET A 91 -25.57 -15.95 -1.68
N ASN A 92 -25.86 -15.91 -2.98
CA ASN A 92 -24.91 -15.37 -3.95
C ASN A 92 -24.41 -13.97 -3.66
N LYS A 93 -25.30 -13.05 -3.30
CA LYS A 93 -24.85 -11.70 -2.95
C LYS A 93 -23.98 -11.66 -1.69
N ILE A 94 -24.25 -12.58 -0.79
CA ILE A 94 -23.57 -12.70 0.45
C ILE A 94 -22.18 -13.25 0.23
N ASN A 95 -22.06 -14.24 -0.65
CA ASN A 95 -20.77 -14.76 -1.06
C ASN A 95 -19.84 -13.64 -1.49
N THR A 96 -20.34 -12.78 -2.37
CA THR A 96 -19.62 -11.59 -2.83
C THR A 96 -19.19 -10.70 -1.71
N ALA A 97 -20.13 -10.45 -0.79
CA ALA A 97 -19.85 -9.59 0.33
C ALA A 97 -18.77 -10.17 1.22
N LEU A 98 -18.87 -11.46 1.49
CA LEU A 98 -17.87 -12.15 2.28
C LEU A 98 -16.49 -12.11 1.63
N ALA A 99 -16.44 -12.43 0.35
CA ALA A 99 -15.18 -12.48 -0.36
C ALA A 99 -14.54 -11.10 -0.25
N THR A 100 -15.35 -10.07 -0.45
CA THR A 100 -14.88 -8.72 -0.27
C THR A 100 -14.35 -8.43 1.11
N ALA A 101 -15.10 -8.80 2.12
CA ALA A 101 -14.66 -8.61 3.51
C ALA A 101 -13.33 -9.31 3.84
N LEU A 102 -13.12 -10.47 3.27
CA LEU A 102 -11.88 -11.21 3.51
C LEU A 102 -10.88 -11.03 2.41
N GLY A 103 -11.03 -9.93 1.63
CA GLY A 103 -10.07 -9.49 0.65
C GLY A 103 -9.64 -10.50 -0.37
N LEU A 104 -10.55 -11.35 -0.81
CA LEU A 104 -10.23 -12.23 -1.91
C LEU A 104 -9.92 -11.39 -3.18
N PRO A 105 -8.86 -11.77 -3.92
CA PRO A 105 -8.41 -10.92 -5.03
C PRO A 105 -9.32 -10.98 -6.25
N TRP A 106 -9.17 -9.99 -7.11
CA TRP A 106 -9.87 -9.92 -8.38
C TRP A 106 -9.26 -10.99 -9.32
N PRO A 107 -10.04 -11.53 -10.28
CA PRO A 107 -11.38 -11.12 -10.71
C PRO A 107 -12.46 -11.44 -9.67
N MET B 3 -0.42 3.56 14.55
CA MET B 3 0.18 2.42 13.77
C MET B 3 0.15 2.61 12.27
N ASN B 4 1.29 2.33 11.63
CA ASN B 4 1.28 2.09 10.18
C ASN B 4 0.30 0.93 9.92
N ALA B 5 -0.84 1.25 9.28
CA ALA B 5 -1.93 0.29 8.96
C ALA B 5 -1.41 -1.07 8.43
N PRO B 6 -1.80 -2.17 9.08
CA PRO B 6 -1.31 -3.47 8.65
C PRO B 6 -2.01 -3.94 7.37
N LEU B 7 -1.43 -4.94 6.72
CA LEU B 7 -1.86 -5.34 5.41
C LEU B 7 -2.15 -6.84 5.41
N ARG B 8 -3.15 -7.19 4.63
CA ARG B 8 -3.48 -8.56 4.33
C ARG B 8 -2.23 -9.37 3.91
N GLY B 9 -2.02 -10.54 4.47
CA GLY B 9 -0.80 -11.31 4.21
C GLY B 9 0.33 -11.10 5.18
N GLN B 10 0.22 -10.12 6.09
CA GLN B 10 1.26 -9.91 7.06
C GLN B 10 1.05 -10.82 8.23
N VAL B 11 2.13 -11.24 8.87
CA VAL B 11 2.06 -12.02 10.07
C VAL B 11 2.53 -11.17 11.20
N TYR B 12 1.79 -11.14 12.30
CA TYR B 12 2.22 -10.43 13.49
C TYR B 12 2.15 -11.39 14.65
N ARG B 13 3.02 -11.17 15.64
CA ARG B 13 3.01 -11.98 16.85
C ARG B 13 2.00 -11.29 17.79
N CYS B 14 1.05 -12.03 18.37
CA CYS B 14 0.04 -11.47 19.28
C CYS B 14 -0.24 -12.34 20.51
N ASP B 15 -0.15 -11.75 21.70
CA ASP B 15 -0.46 -12.39 22.99
C ASP B 15 -1.90 -12.04 23.41
N LEU B 16 -2.76 -13.05 23.39
CA LEU B 16 -4.17 -12.88 23.72
C LEU B 16 -4.51 -13.30 25.15
N GLY B 17 -3.46 -13.45 25.98
CA GLY B 17 -3.58 -13.90 27.38
C GLY B 17 -2.93 -15.25 27.67
N TYR B 18 -2.48 -15.97 26.63
CA TYR B 18 -2.03 -17.37 26.77
C TYR B 18 -0.75 -17.63 25.97
N GLY B 19 0.10 -16.62 25.84
CA GLY B 19 1.33 -16.75 25.06
C GLY B 19 1.27 -16.08 23.69
N ALA B 20 2.43 -15.57 23.28
CA ALA B 20 2.58 -14.82 22.03
C ALA B 20 2.51 -15.82 20.96
N LYS B 21 1.76 -15.52 19.92
CA LYS B 21 1.66 -16.46 18.81
C LYS B 21 1.52 -15.70 17.52
N PRO B 22 1.90 -16.33 16.39
CA PRO B 22 1.85 -15.68 15.09
C PRO B 22 0.44 -15.73 14.47
N TRP B 23 -0.04 -14.59 13.99
CA TRP B 23 -1.32 -14.49 13.27
C TRP B 23 -1.16 -13.87 11.90
N LEU B 24 -1.88 -14.43 10.93
CA LEU B 24 -1.91 -14.01 9.55
C LEU B 24 -3.18 -13.20 9.27
N ILE B 25 -3.02 -11.95 8.81
CA ILE B 25 -4.14 -11.06 8.50
C ILE B 25 -4.84 -11.46 7.21
N VAL B 26 -6.17 -11.59 7.26
CA VAL B 26 -6.95 -11.96 6.05
C VAL B 26 -8.02 -10.93 5.67
N SER B 27 -8.31 -9.97 6.54
CA SER B 27 -9.32 -8.94 6.18
C SER B 27 -8.76 -8.03 5.08
N ASN B 28 -9.65 -7.40 4.33
CA ASN B 28 -9.23 -6.52 3.26
C ASN B 28 -8.60 -5.26 3.86
N ASN B 29 -7.76 -4.60 3.05
CA ASN B 29 -6.88 -3.50 3.52
C ASN B 29 -7.56 -2.21 3.77
N ALA B 30 -8.74 -1.99 3.17
CA ALA B 30 -9.56 -0.84 3.48
C ALA B 30 -10.05 -0.97 4.88
N ARG B 31 -10.53 -2.17 5.24
CA ARG B 31 -10.93 -2.40 6.62
C ARG B 31 -9.77 -2.25 7.59
N ASN B 32 -8.67 -2.90 7.24
CA ASN B 32 -7.44 -2.80 7.99
C ASN B 32 -6.99 -1.36 8.26
N ARG B 33 -7.24 -0.43 7.34
CA ARG B 33 -6.76 0.95 7.51
C ARG B 33 -7.70 1.85 8.33
N HIS B 34 -9.02 1.65 8.24
CA HIS B 34 -10.03 2.48 8.91
C HIS B 34 -10.66 1.98 10.24
N THR B 35 -10.80 0.67 10.38
CA THR B 35 -11.46 0.01 11.53
C THR B 35 -10.43 -0.19 12.65
N ALA B 36 -10.89 -0.38 13.87
CA ALA B 36 -9.93 -0.62 14.96
C ALA B 36 -9.41 -2.07 15.04
N ASP B 37 -9.84 -2.94 14.12
CA ASP B 37 -9.70 -4.40 14.24
C ASP B 37 -9.39 -5.03 12.90
N VAL B 38 -8.62 -6.10 12.93
CA VAL B 38 -8.34 -6.92 11.74
C VAL B 38 -8.89 -8.30 11.98
N VAL B 39 -9.10 -9.02 10.90
CA VAL B 39 -9.49 -10.42 11.00
C VAL B 39 -8.27 -11.26 10.62
N ALA B 40 -7.96 -12.27 11.42
CA ALA B 40 -6.80 -13.11 11.17
C ALA B 40 -7.03 -14.59 11.42
N VAL B 41 -6.09 -15.38 10.93
CA VAL B 41 -6.00 -16.82 11.25
C VAL B 41 -4.65 -17.06 11.86
N ARG B 42 -4.52 -18.01 12.77
CA ARG B 42 -3.24 -18.21 13.45
C ARG B 42 -2.44 -19.36 12.89
N LEU B 43 -1.12 -19.22 12.99
CA LEU B 43 -0.22 -20.25 12.48
C LEU B 43 0.08 -21.08 13.70
N THR B 44 -0.32 -22.34 13.65
CA THR B 44 -0.09 -23.31 14.72
C THR B 44 1.16 -24.17 14.38
N THR B 45 1.34 -25.31 15.07
CA THR B 45 2.58 -26.09 14.91
C THR B 45 2.50 -27.62 15.15
N PRO B 51 -2.78 -32.63 7.38
CA PRO B 51 -4.12 -32.71 6.77
C PRO B 51 -4.46 -31.52 5.82
N THR B 52 -5.76 -31.30 5.56
CA THR B 52 -6.27 -30.23 4.66
C THR B 52 -5.92 -28.76 5.00
N TRP B 53 -5.22 -28.52 6.10
CA TRP B 53 -4.83 -27.19 6.47
C TRP B 53 -3.79 -26.65 5.48
N VAL B 54 -3.22 -25.49 5.74
CA VAL B 54 -2.21 -24.94 4.85
C VAL B 54 -0.88 -24.81 5.57
N ALA B 55 0.13 -25.50 5.02
CA ALA B 55 1.52 -25.34 5.44
C ALA B 55 2.10 -23.98 4.94
N MET B 56 2.85 -23.31 5.82
CA MET B 56 3.80 -22.29 5.38
C MET B 56 4.82 -22.98 4.47
N GLY B 57 5.42 -22.22 3.59
CA GLY B 57 6.37 -22.75 2.63
C GLY B 57 7.75 -22.30 3.01
N PRO B 58 8.77 -22.91 2.39
CA PRO B 58 10.15 -22.57 2.74
C PRO B 58 10.52 -21.11 2.53
N SER B 59 9.83 -20.43 1.63
CA SER B 59 10.10 -19.02 1.35
C SER B 59 9.24 -18.08 2.20
N ASP B 60 8.33 -18.64 3.02
CA ASP B 60 7.48 -17.86 3.92
C ASP B 60 8.27 -17.46 5.19
N PRO B 61 7.82 -16.41 5.90
CA PRO B 61 8.67 -15.82 6.95
C PRO B 61 8.76 -16.61 8.26
N LEU B 62 7.91 -17.61 8.45
CA LEU B 62 7.95 -18.49 9.62
C LEU B 62 7.39 -19.87 9.27
N THR B 63 7.70 -20.84 10.12
CA THR B 63 7.16 -22.21 9.98
C THR B 63 5.74 -22.29 10.60
N GLY B 64 4.93 -23.27 10.20
CA GLY B 64 3.60 -23.41 10.80
C GLY B 64 2.47 -23.69 9.85
N TYR B 65 1.30 -23.91 10.43
CA TYR B 65 0.11 -24.37 9.72
C TYR B 65 -1.10 -23.50 10.04
N VAL B 66 -1.92 -23.26 9.03
CA VAL B 66 -3.07 -22.36 9.13
C VAL B 66 -4.36 -23.16 9.02
N ASN B 67 -5.19 -23.03 10.04
CA ASN B 67 -6.53 -23.61 10.00
C ASN B 67 -7.49 -22.48 9.60
N ALA B 68 -7.82 -22.40 8.31
CA ALA B 68 -8.76 -21.39 7.84
C ALA B 68 -10.17 -21.54 8.42
N ASP B 69 -10.46 -22.63 9.12
CA ASP B 69 -11.71 -22.76 9.84
C ASP B 69 -11.76 -21.85 11.06
N ASN B 70 -10.62 -21.36 11.55
CA ASN B 70 -10.60 -20.60 12.79
C ASN B 70 -10.16 -19.18 12.57
N ILE B 71 -11.14 -18.42 12.18
CA ILE B 71 -10.99 -17.02 11.89
C ILE B 71 -11.33 -16.30 13.18
N GLU B 72 -10.56 -15.28 13.54
CA GLU B 72 -10.85 -14.44 14.70
C GLU B 72 -10.61 -13.01 14.32
N THR B 73 -10.99 -12.12 15.21
CA THR B 73 -10.83 -10.71 15.08
C THR B 73 -9.83 -10.20 16.15
N LEU B 74 -8.71 -9.61 15.73
CA LEU B 74 -7.73 -9.10 16.65
C LEU B 74 -7.83 -7.61 16.59
N GLY B 75 -7.85 -6.95 17.74
CA GLY B 75 -7.71 -5.50 17.80
C GLY B 75 -6.32 -5.07 17.34
N LYS B 76 -6.26 -3.95 16.63
CA LYS B 76 -4.97 -3.39 16.15
C LYS B 76 -4.01 -3.09 17.31
N ASP B 77 -4.57 -2.63 18.42
CA ASP B 77 -3.87 -2.53 19.73
C ASP B 77 -3.27 -3.82 20.29
N GLU B 78 -3.64 -5.00 19.76
CA GLU B 78 -3.12 -6.27 20.26
C GLU B 78 -2.04 -6.83 19.34
N LEU B 79 -1.76 -6.18 18.22
CA LEU B 79 -0.77 -6.75 17.32
C LEU B 79 0.59 -6.44 17.93
N GLY B 80 1.44 -7.46 18.02
CA GLY B 80 2.78 -7.26 18.51
C GLY B 80 3.77 -7.02 17.39
N ASP B 81 4.82 -7.85 17.39
CA ASP B 81 5.93 -7.67 16.47
C ASP B 81 5.52 -8.06 15.08
N TYR B 82 5.89 -7.22 14.12
CA TYR B 82 5.73 -7.57 12.72
C TYR B 82 6.75 -8.63 12.31
N LEU B 83 6.28 -9.78 11.81
CA LEU B 83 7.17 -10.89 11.42
C LEU B 83 7.30 -11.15 9.90
N GLY B 84 6.75 -10.27 9.07
CA GLY B 84 6.94 -10.43 7.64
C GLY B 84 5.65 -10.76 6.92
N GLU B 85 5.75 -10.76 5.59
CA GLU B 85 4.64 -11.04 4.67
C GLU B 85 4.78 -12.47 4.21
N VAL B 86 3.70 -13.11 3.85
CA VAL B 86 3.79 -14.45 3.28
C VAL B 86 3.90 -14.34 1.76
N THR B 87 4.37 -15.39 1.10
CA THR B 87 4.56 -15.38 -0.35
C THR B 87 3.20 -15.40 -1.06
N PRO B 88 3.12 -14.72 -2.23
CA PRO B 88 1.91 -14.82 -3.07
C PRO B 88 1.46 -16.27 -3.38
N ALA B 89 2.38 -17.24 -3.46
CA ALA B 89 1.96 -18.63 -3.72
C ALA B 89 1.22 -19.24 -2.55
N THR B 90 1.68 -18.97 -1.34
CA THR B 90 1.09 -19.53 -0.15
C THR B 90 -0.25 -18.83 0.10
N MET B 91 -0.24 -17.52 -0.09
CA MET B 91 -1.44 -16.72 -0.04
C MET B 91 -2.48 -17.16 -0.95
N ASN B 92 -2.10 -17.65 -2.13
CA ASN B 92 -3.07 -18.19 -3.06
C ASN B 92 -3.69 -19.47 -2.51
N LYS B 93 -2.93 -20.25 -1.75
CA LYS B 93 -3.48 -21.41 -1.00
C LYS B 93 -4.36 -20.98 0.19
N ILE B 94 -4.02 -19.89 0.87
CA ILE B 94 -4.84 -19.37 1.95
C ILE B 94 -6.18 -18.88 1.44
N ASN B 95 -6.17 -18.17 0.32
CA ASN B 95 -7.41 -17.76 -0.33
C ASN B 95 -8.30 -18.95 -0.66
N THR B 96 -7.71 -19.98 -1.27
CA THR B 96 -8.45 -21.23 -1.54
C THR B 96 -9.07 -21.88 -0.28
N ALA B 97 -8.33 -21.86 0.82
CA ALA B 97 -8.81 -22.46 2.05
C ALA B 97 -9.85 -21.60 2.75
N LEU B 98 -9.69 -20.28 2.73
CA LEU B 98 -10.74 -19.38 3.24
C LEU B 98 -12.06 -19.58 2.50
N ALA B 99 -12.01 -19.70 1.19
CA ALA B 99 -13.25 -19.87 0.37
C ALA B 99 -13.90 -21.26 0.53
N THR B 100 -13.07 -22.28 0.62
CA THR B 100 -13.57 -23.58 1.05
C THR B 100 -14.18 -23.43 2.46
N ALA B 101 -13.43 -23.00 3.45
CA ALA B 101 -13.95 -22.87 4.82
C ALA B 101 -15.31 -22.15 4.94
N LEU B 102 -15.50 -21.08 4.17
CA LEU B 102 -16.71 -20.27 4.19
C LEU B 102 -17.66 -20.49 3.00
N GLY B 103 -17.51 -21.61 2.29
CA GLY B 103 -18.36 -21.91 1.14
C GLY B 103 -18.49 -20.89 0.02
N LEU B 104 -17.42 -20.14 -0.23
CA LEU B 104 -17.37 -19.18 -1.31
C LEU B 104 -16.96 -19.83 -2.65
N PRO B 105 -17.40 -19.24 -3.76
CA PRO B 105 -16.94 -19.75 -5.06
C PRO B 105 -15.56 -19.13 -5.39
N TRP B 106 -14.63 -19.97 -5.86
CA TRP B 106 -13.28 -19.51 -6.18
C TRP B 106 -12.74 -20.18 -7.47
N PRO B 107 -13.47 -20.02 -8.59
CA PRO B 107 -13.20 -20.79 -9.82
C PRO B 107 -11.82 -20.52 -10.43
N MET C 1 -17.32 2.07 -29.20
CA MET C 1 -16.76 0.94 -30.01
C MET C 1 -15.76 1.40 -31.05
N THR C 2 -15.94 2.60 -31.61
CA THR C 2 -14.90 3.30 -32.40
C THR C 2 -14.16 4.26 -31.47
N VAL C 3 -12.95 3.87 -31.02
CA VAL C 3 -12.14 4.59 -30.00
C VAL C 3 -11.02 5.38 -30.66
N ARG C 4 -10.78 6.58 -30.14
CA ARG C 4 -9.83 7.55 -30.66
C ARG C 4 -8.77 7.81 -29.61
N LEU C 5 -7.51 7.66 -30.02
CA LEU C 5 -6.35 7.74 -29.13
C LEU C 5 -5.33 8.75 -29.63
N ASP C 6 -4.88 9.62 -28.73
CA ASP C 6 -3.72 10.49 -28.97
C ASP C 6 -2.40 9.69 -29.07
N GLN C 7 -1.35 10.38 -29.51
CA GLN C 7 -0.07 9.72 -29.90
C GLN C 7 0.58 8.93 -28.78
N GLN C 8 0.64 9.52 -27.59
CA GLN C 8 1.35 8.91 -26.49
C GLN C 8 0.49 7.81 -25.86
N THR C 9 -0.82 7.91 -25.98
CA THR C 9 -1.71 6.91 -25.49
C THR C 9 -1.67 5.65 -26.37
N ARG C 10 -1.67 5.82 -27.68
CA ARG C 10 -1.45 4.71 -28.60
C ARG C 10 -0.08 4.05 -28.37
N GLN C 11 0.93 4.87 -28.16
CA GLN C 11 2.25 4.37 -27.94
C GLN C 11 2.27 3.57 -26.61
N ARG C 12 1.46 3.98 -25.65
CA ARG C 12 1.35 3.23 -24.41
C ARG C 12 0.56 1.93 -24.58
N LEU C 13 -0.50 1.96 -25.39
CA LEU C 13 -1.23 0.74 -25.65
C LEU C 13 -0.31 -0.33 -26.25
N GLN C 14 0.58 0.06 -27.17
CA GLN C 14 1.57 -0.85 -27.74
C GLN C 14 2.57 -1.38 -26.74
N ASP C 15 3.09 -0.50 -25.87
CA ASP C 15 3.96 -0.93 -24.75
C ASP C 15 3.30 -2.06 -23.92
N ILE C 16 2.02 -1.89 -23.56
CA ILE C 16 1.32 -2.92 -22.77
C ILE C 16 0.97 -4.17 -23.58
N VAL C 17 0.66 -3.99 -24.87
CA VAL C 17 0.49 -5.14 -25.77
C VAL C 17 1.80 -5.96 -25.85
N LYS C 18 2.92 -5.29 -26.09
CA LYS C 18 4.23 -5.95 -26.18
C LYS C 18 4.60 -6.65 -24.87
N GLY C 19 4.11 -6.12 -23.74
CA GLY C 19 4.36 -6.72 -22.43
C GLY C 19 3.69 -8.05 -22.11
N GLY C 20 2.84 -8.57 -23.01
CA GLY C 20 2.29 -9.92 -22.86
C GLY C 20 0.79 -10.10 -23.07
N TYR C 21 0.06 -9.03 -23.41
CA TYR C 21 -1.33 -9.19 -23.85
C TYR C 21 -1.45 -9.78 -25.27
N ARG C 22 -2.63 -10.33 -25.53
CA ARG C 22 -2.96 -11.10 -26.75
C ARG C 22 -3.10 -10.23 -27.98
N SER C 23 -3.67 -9.04 -27.77
CA SER C 23 -3.98 -8.04 -28.80
C SER C 23 -4.29 -6.70 -28.14
N ALA C 24 -4.51 -5.70 -29.00
CA ALA C 24 -4.93 -4.38 -28.57
C ALA C 24 -6.27 -4.44 -27.81
N ASN C 25 -7.21 -5.17 -28.40
CA ASN C 25 -8.54 -5.38 -27.82
C ASN C 25 -8.49 -5.95 -26.40
N ALA C 26 -7.64 -6.95 -26.22
CA ALA C 26 -7.56 -7.66 -24.95
C ALA C 26 -7.04 -6.72 -23.86
N ALA C 27 -5.98 -5.98 -24.20
CA ALA C 27 -5.41 -4.94 -23.34
C ALA C 27 -6.40 -3.84 -22.91
N ILE C 28 -7.19 -3.35 -23.83
CA ILE C 28 -8.16 -2.28 -23.53
C ILE C 28 -9.27 -2.80 -22.64
N VAL C 29 -9.71 -4.01 -22.94
CA VAL C 29 -10.66 -4.73 -22.10
C VAL C 29 -10.12 -4.82 -20.67
N ASP C 30 -8.89 -5.28 -20.56
CA ASP C 30 -8.28 -5.40 -19.26
C ASP C 30 -8.05 -4.07 -18.56
N ALA C 31 -7.64 -3.05 -19.31
CA ALA C 31 -7.49 -1.72 -18.70
C ALA C 31 -8.81 -1.20 -18.20
N ILE C 32 -9.90 -1.48 -18.91
CA ILE C 32 -11.22 -0.99 -18.48
C ILE C 32 -11.58 -1.70 -17.21
N ASN C 33 -11.36 -3.01 -17.19
CA ASN C 33 -11.67 -3.83 -16.00
C ASN C 33 -10.84 -3.52 -14.78
N LYS C 34 -9.54 -3.33 -14.95
CA LYS C 34 -8.66 -2.90 -13.86
C LYS C 34 -9.04 -1.53 -13.29
N ARG C 35 -9.42 -0.60 -14.16
CA ARG C 35 -9.85 0.72 -13.74
C ARG C 35 -11.14 0.62 -12.92
N TRP C 36 -12.07 -0.20 -13.41
CA TRP C 36 -13.31 -0.39 -12.68
C TRP C 36 -13.05 -0.97 -11.29
N GLU C 37 -12.12 -1.91 -11.23
CA GLU C 37 -11.79 -2.56 -9.97
C GLU C 37 -11.08 -1.59 -9.07
N ALA C 38 -10.22 -0.78 -9.64
CA ALA C 38 -9.55 0.23 -8.85
C ALA C 38 -10.60 1.22 -8.27
N LEU C 39 -11.62 1.62 -9.02
CA LEU C 39 -12.63 2.54 -8.48
C LEU C 39 -13.49 1.88 -7.45
N HIS C 40 -13.73 0.60 -7.62
CA HIS C 40 -14.46 -0.18 -6.63
C HIS C 40 -13.71 -0.23 -5.28
N ASP C 41 -12.40 -0.41 -5.31
CA ASP C 41 -11.63 -0.43 -4.06
C ASP C 41 -11.55 0.95 -3.40
N GLU C 42 -11.57 1.99 -4.23
CA GLU C 42 -11.59 3.39 -3.77
C GLU C 42 -12.94 3.66 -3.10
N GLN C 43 -14.05 3.12 -3.63
CA GLN C 43 -15.37 3.30 -2.99
C GLN C 43 -15.58 2.46 -1.71
N LEU C 44 -14.94 1.27 -1.68
CA LEU C 44 -14.95 0.43 -0.47
C LEU C 44 -14.18 1.16 0.63
N ASP C 45 -13.01 1.71 0.30
CA ASP C 45 -12.27 2.57 1.23
C ASP C 45 -13.23 3.66 1.83
N ALA C 46 -13.83 4.48 0.99
CA ALA C 46 -14.68 5.61 1.42
C ALA C 46 -15.89 5.15 2.24
N ALA C 47 -16.45 4.00 1.87
CA ALA C 47 -17.58 3.46 2.60
C ALA C 47 -17.18 3.06 4.04
N TYR C 48 -16.00 2.46 4.23
CA TYR C 48 -15.49 2.13 5.58
C TYR C 48 -15.22 3.40 6.39
N ALA C 49 -14.70 4.43 5.75
CA ALA C 49 -14.48 5.71 6.44
C ALA C 49 -15.81 6.27 6.91
N ALA C 50 -16.82 6.25 6.07
CA ALA C 50 -18.14 6.78 6.47
C ALA C 50 -18.77 5.98 7.58
N ALA C 51 -18.76 4.65 7.46
CA ALA C 51 -19.29 3.77 8.53
C ALA C 51 -18.58 4.03 9.87
N ILE C 52 -17.27 4.26 9.84
CA ILE C 52 -16.46 4.58 11.05
C ILE C 52 -16.67 6.00 11.61
N HIS C 53 -16.91 6.97 10.72
CA HIS C 53 -17.28 8.31 11.15
C HIS C 53 -18.61 8.28 11.92
N ASP C 54 -19.59 7.56 11.38
CA ASP C 54 -20.91 7.40 12.00
C ASP C 54 -20.96 6.38 13.17
N ASN C 55 -19.99 5.47 13.23
CA ASN C 55 -19.91 4.47 14.30
C ASN C 55 -18.47 4.01 14.47
N PRO C 56 -17.71 4.62 15.40
CA PRO C 56 -16.32 4.26 15.58
C PRO C 56 -16.03 2.81 16.01
N ALA C 57 -17.05 2.00 16.33
CA ALA C 57 -16.82 0.59 16.66
C ALA C 57 -17.14 -0.39 15.52
N TYR C 58 -17.45 0.12 14.32
CA TYR C 58 -17.76 -0.71 13.18
C TYR C 58 -16.66 -1.80 13.03
N PRO C 59 -17.07 -3.05 12.77
CA PRO C 59 -18.39 -3.54 12.37
C PRO C 59 -19.31 -3.93 13.49
N TYR C 60 -18.86 -3.71 14.71
CA TYR C 60 -19.67 -3.93 15.90
C TYR C 60 -20.66 -2.75 16.02
N GLU C 61 -21.88 -3.03 16.45
CA GLU C 61 -22.86 -1.95 16.70
C GLU C 61 -22.53 -1.09 17.94
N SER C 62 -21.84 -1.65 18.94
CA SER C 62 -21.42 -0.90 20.15
C SER C 62 -20.09 -1.42 20.69
N GLU C 63 -19.44 -0.61 21.53
CA GLU C 63 -18.24 -1.08 22.21
C GLU C 63 -18.47 -2.31 23.12
N ALA C 64 -19.69 -2.47 23.62
CA ALA C 64 -20.12 -3.65 24.36
C ALA C 64 -20.10 -4.92 23.51
N GLU C 65 -20.54 -4.81 22.26
CA GLU C 65 -20.51 -5.96 21.34
C GLU C 65 -19.08 -6.44 21.13
N ARG C 66 -18.14 -5.49 21.04
CA ARG C 66 -16.73 -5.78 20.83
C ARG C 66 -16.17 -6.56 22.01
N SER C 67 -16.51 -6.10 23.21
CA SER C 67 -16.03 -6.69 24.47
C SER C 67 -16.44 -8.16 24.57
N ALA C 68 -17.72 -8.39 24.35
CA ALA C 68 -18.27 -9.70 24.32
C ALA C 68 -17.50 -10.55 23.33
N ALA C 69 -17.37 -10.05 22.09
CA ALA C 69 -16.69 -10.79 21.02
C ALA C 69 -15.26 -11.18 21.39
N ARG C 70 -14.55 -10.25 21.99
CA ARG C 70 -13.20 -10.51 22.45
C ARG C 70 -13.14 -11.45 23.65
N ALA C 71 -14.05 -11.34 24.61
CA ALA C 71 -14.09 -12.32 25.72
C ALA C 71 -14.34 -13.70 25.22
N ARG C 72 -15.23 -13.87 24.22
CA ARG C 72 -15.46 -15.23 23.69
C ARG C 72 -14.25 -15.79 22.89
N ARG C 73 -13.54 -14.90 22.22
CA ARG C 73 -12.34 -15.25 21.49
C ARG C 73 -11.33 -15.72 22.50
N ASN C 74 -11.15 -14.96 23.57
CA ASN C 74 -10.23 -15.32 24.66
C ASN C 74 -10.55 -16.67 25.28
N ALA C 75 -11.82 -16.91 25.52
CA ALA C 75 -12.24 -18.19 26.06
C ALA C 75 -11.85 -19.35 25.15
N ARG C 76 -11.99 -19.17 23.83
CA ARG C 76 -11.57 -20.17 22.84
C ARG C 76 -10.05 -20.41 22.80
N GLN C 77 -9.27 -19.38 23.11
CA GLN C 77 -7.80 -19.49 23.10
C GLN C 77 -7.35 -20.21 24.37
N GLN C 78 -8.04 -19.94 25.47
CA GLN C 78 -7.89 -20.67 26.72
C GLN C 78 -8.14 -22.16 26.57
N ARG C 79 -9.20 -22.56 25.86
CA ARG C 79 -9.61 -23.98 25.76
C ARG C 79 -8.64 -24.80 24.88
N SER C 80 -8.13 -24.17 23.83
CA SER C 80 -7.09 -24.81 22.99
C SER C 80 -5.72 -24.90 23.74
N ALA C 81 -5.48 -23.97 24.67
CA ALA C 81 -4.31 -23.96 25.56
C ALA C 81 -4.39 -25.06 26.64
N ALA D 5 27.64 30.87 -7.89
CA ALA D 5 28.31 30.50 -9.18
C ALA D 5 28.01 29.10 -9.73
N PRO D 6 27.81 28.06 -8.88
CA PRO D 6 27.54 26.76 -9.54
C PRO D 6 26.10 26.71 -10.03
N LEU D 7 25.92 26.09 -11.19
CA LEU D 7 24.62 26.06 -11.83
C LEU D 7 24.15 24.63 -12.02
N ARG D 8 22.83 24.51 -12.08
CA ARG D 8 22.15 23.28 -12.36
C ARG D 8 22.52 22.76 -13.77
N GLY D 9 22.86 21.49 -13.86
CA GLY D 9 23.42 20.91 -15.08
C GLY D 9 24.93 20.69 -15.06
N GLN D 10 25.66 21.52 -14.31
CA GLN D 10 27.15 21.41 -14.21
C GLN D 10 27.57 20.15 -13.42
N VAL D 11 28.70 19.56 -13.79
CA VAL D 11 29.27 18.36 -13.16
C VAL D 11 30.59 18.78 -12.57
N TYR D 12 30.77 18.45 -11.29
CA TYR D 12 32.01 18.72 -10.57
C TYR D 12 32.55 17.46 -9.98
N ARG D 13 33.85 17.40 -9.84
CA ARG D 13 34.51 16.30 -9.14
C ARG D 13 34.42 16.58 -7.66
N CYS D 14 34.19 15.56 -6.83
CA CYS D 14 34.15 15.76 -5.36
C CYS D 14 34.44 14.45 -4.64
N ASP D 15 35.19 14.55 -3.55
CA ASP D 15 35.50 13.41 -2.67
C ASP D 15 34.64 13.46 -1.42
N LEU D 16 33.69 12.57 -1.31
CA LEU D 16 32.84 12.49 -0.11
C LEU D 16 33.42 11.66 1.01
N GLY D 17 34.61 11.11 0.83
CA GLY D 17 35.25 10.27 1.81
C GLY D 17 35.65 8.93 1.29
N TYR D 18 35.38 8.66 0.01
CA TYR D 18 35.74 7.39 -0.65
C TYR D 18 36.34 7.61 -2.05
N GLY D 19 37.05 8.73 -2.23
CA GLY D 19 37.68 9.07 -3.50
C GLY D 19 36.88 10.08 -4.29
N ALA D 20 37.57 10.79 -5.17
CA ALA D 20 36.96 11.86 -5.96
C ALA D 20 36.06 11.31 -7.11
N LYS D 21 34.78 11.68 -7.10
CA LYS D 21 33.80 11.21 -8.07
C LYS D 21 33.11 12.39 -8.72
N PRO D 22 32.54 12.17 -9.91
CA PRO D 22 31.77 13.26 -10.53
C PRO D 22 30.34 13.36 -9.97
N TRP D 23 29.81 14.59 -9.87
CA TRP D 23 28.49 14.88 -9.27
C TRP D 23 27.81 15.91 -10.12
N LEU D 24 26.55 15.66 -10.50
CA LEU D 24 25.77 16.62 -11.26
C LEU D 24 24.87 17.47 -10.35
N ILE D 25 24.94 18.78 -10.48
CA ILE D 25 24.11 19.65 -9.69
C ILE D 25 22.67 19.60 -10.19
N VAL D 26 21.74 19.41 -9.25
CA VAL D 26 20.31 19.41 -9.54
C VAL D 26 19.53 20.44 -8.71
N SER D 27 20.09 20.98 -7.61
CA SER D 27 19.42 22.12 -6.92
C SER D 27 19.14 23.25 -7.89
N ASN D 28 18.06 24.01 -7.70
CA ASN D 28 17.84 25.19 -8.55
C ASN D 28 18.90 26.27 -8.31
N ASN D 29 19.01 27.18 -9.26
CA ASN D 29 20.07 28.21 -9.28
C ASN D 29 19.98 29.28 -8.18
N ALA D 30 18.76 29.68 -7.80
CA ALA D 30 18.58 30.61 -6.68
C ALA D 30 19.18 30.03 -5.42
N ARG D 31 18.86 28.78 -5.12
CA ARG D 31 19.52 28.13 -3.98
C ARG D 31 21.02 28.11 -4.14
N ASN D 32 21.52 27.80 -5.33
CA ASN D 32 22.96 27.68 -5.49
C ASN D 32 23.74 28.98 -5.21
N ARG D 33 23.18 30.13 -5.60
CA ARG D 33 23.81 31.42 -5.33
C ARG D 33 23.88 31.68 -3.82
N HIS D 34 22.73 31.66 -3.14
CA HIS D 34 22.59 32.20 -1.79
C HIS D 34 22.93 31.27 -0.61
N THR D 35 23.23 30.01 -0.90
CA THR D 35 23.44 28.95 0.10
C THR D 35 24.88 28.45 0.03
N ALA D 36 25.42 28.00 1.16
CA ALA D 36 26.75 27.39 1.20
C ALA D 36 26.88 26.01 0.52
N ASP D 37 25.77 25.30 0.26
CA ASP D 37 25.88 23.96 -0.37
C ASP D 37 24.90 23.74 -1.52
N VAL D 38 25.13 22.64 -2.24
CA VAL D 38 24.27 22.26 -3.35
C VAL D 38 23.91 20.78 -3.29
N VAL D 39 22.82 20.46 -3.97
CA VAL D 39 22.34 19.12 -4.00
C VAL D 39 22.71 18.63 -5.37
N ALA D 40 23.24 17.40 -5.40
CA ALA D 40 23.74 16.81 -6.59
C ALA D 40 23.46 15.29 -6.65
N VAL D 41 23.55 14.70 -7.85
CA VAL D 41 23.44 13.25 -8.04
C VAL D 41 24.74 12.64 -8.59
N ARG D 42 25.01 11.41 -8.17
CA ARG D 42 26.21 10.70 -8.53
C ARG D 42 26.25 10.31 -10.03
N LEU D 43 27.30 10.74 -10.70
CA LEU D 43 27.71 10.18 -11.99
C LEU D 43 28.55 8.95 -11.71
N THR D 44 28.39 7.94 -12.55
CA THR D 44 29.11 6.70 -12.33
C THR D 44 29.40 6.03 -13.67
N THR D 45 30.35 5.09 -13.65
CA THR D 45 30.65 4.24 -14.80
C THR D 45 29.89 2.93 -14.72
N THR D 46 29.43 2.56 -13.53
CA THR D 46 28.59 1.38 -13.35
C THR D 46 27.33 1.52 -14.20
N ARG D 47 26.80 0.37 -14.62
CA ARG D 47 25.76 0.30 -15.63
C ARG D 47 24.58 -0.43 -15.01
N ARG D 48 23.40 0.19 -15.07
CA ARG D 48 22.20 -0.41 -14.52
C ARG D 48 20.95 0.02 -15.30
N THR D 49 19.99 -0.90 -15.41
CA THR D 49 18.74 -0.68 -16.12
C THR D 49 17.69 -0.55 -15.02
N ILE D 50 17.41 0.70 -14.68
CA ILE D 50 16.36 1.06 -13.70
C ILE D 50 15.90 2.46 -14.17
N PRO D 51 14.62 2.78 -14.02
CA PRO D 51 14.21 4.11 -14.50
C PRO D 51 14.90 5.33 -13.84
N THR D 52 15.41 5.18 -12.62
CA THR D 52 16.17 6.24 -11.94
C THR D 52 17.60 6.48 -12.44
N TRP D 53 18.04 5.70 -13.43
CA TRP D 53 19.32 5.94 -14.06
C TRP D 53 19.21 6.44 -15.48
N VAL D 54 20.09 7.36 -15.86
CA VAL D 54 20.12 7.92 -17.19
C VAL D 54 21.52 7.87 -17.78
N ALA D 55 21.61 7.48 -19.06
CA ALA D 55 22.87 7.40 -19.77
C ALA D 55 23.20 8.72 -20.42
N MET D 56 24.49 9.04 -20.37
CA MET D 56 25.04 10.21 -21.04
C MET D 56 25.12 9.97 -22.54
N GLY D 57 25.16 11.09 -23.25
CA GLY D 57 25.33 11.11 -24.69
C GLY D 57 26.63 11.79 -25.10
N PRO D 58 26.89 11.85 -26.43
CA PRO D 58 28.13 12.33 -27.02
C PRO D 58 28.57 13.73 -26.66
N SER D 59 27.67 14.70 -26.50
CA SER D 59 28.14 16.06 -26.09
C SER D 59 27.93 16.30 -24.60
N ASP D 60 27.70 15.21 -23.86
CA ASP D 60 27.75 15.25 -22.38
C ASP D 60 29.21 15.22 -21.87
N PRO D 61 29.47 15.85 -20.70
CA PRO D 61 30.84 15.97 -20.16
C PRO D 61 31.63 14.65 -20.05
N LEU D 62 30.98 13.52 -19.75
CA LEU D 62 31.74 12.26 -19.61
C LEU D 62 30.93 11.03 -19.93
N THR D 63 31.58 9.88 -19.90
CA THR D 63 30.91 8.61 -20.18
C THR D 63 30.31 8.03 -18.90
N GLY D 64 29.17 7.39 -19.03
CA GLY D 64 28.57 6.68 -17.91
C GLY D 64 27.13 7.09 -17.73
N TYR D 65 26.72 7.07 -16.45
CA TYR D 65 25.32 7.12 -16.02
C TYR D 65 25.06 8.07 -14.84
N VAL D 66 23.87 8.66 -14.78
CA VAL D 66 23.42 9.39 -13.58
C VAL D 66 22.53 8.50 -12.78
N ASN D 67 22.84 8.30 -11.51
CA ASN D 67 21.96 7.59 -10.56
C ASN D 67 21.20 8.60 -9.66
N ALA D 68 19.90 8.76 -9.86
CA ALA D 68 19.09 9.77 -9.14
C ALA D 68 18.52 9.26 -7.84
N ASP D 69 18.72 7.98 -7.51
CA ASP D 69 18.46 7.54 -6.14
C ASP D 69 19.53 7.97 -5.14
N ASN D 70 20.68 8.45 -5.60
CA ASN D 70 21.77 8.79 -4.72
C ASN D 70 21.94 10.29 -4.81
N ILE D 71 21.09 10.95 -4.07
CA ILE D 71 21.14 12.41 -3.92
C ILE D 71 22.06 12.78 -2.74
N GLU D 72 22.85 13.84 -2.87
CA GLU D 72 23.80 14.22 -1.82
C GLU D 72 23.91 15.71 -1.74
N THR D 73 24.20 16.23 -0.55
CA THR D 73 24.45 17.66 -0.29
C THR D 73 25.95 17.95 -0.21
N LEU D 74 26.45 18.85 -1.07
CA LEU D 74 27.89 19.13 -1.19
C LEU D 74 28.13 20.58 -0.97
N GLY D 75 29.11 20.87 -0.14
CA GLY D 75 29.50 22.24 0.11
C GLY D 75 30.13 22.86 -1.11
N LYS D 76 29.84 24.13 -1.34
CA LYS D 76 30.47 24.86 -2.44
C LYS D 76 31.98 24.71 -2.38
N ASP D 77 32.56 24.89 -1.18
CA ASP D 77 34.00 24.70 -0.95
C ASP D 77 34.55 23.30 -1.24
N GLU D 78 33.69 22.32 -1.32
CA GLU D 78 34.09 20.98 -1.57
C GLU D 78 34.11 20.66 -3.03
N LEU D 79 33.52 21.50 -3.83
CA LEU D 79 33.40 21.22 -5.24
C LEU D 79 34.35 21.11 -6.40
N GLY D 80 35.49 21.70 -6.36
CA GLY D 80 36.54 21.41 -7.30
C GLY D 80 36.47 21.43 -8.80
N ASP D 81 37.02 20.39 -9.40
CA ASP D 81 37.22 20.26 -10.88
C ASP D 81 35.98 20.33 -11.80
N TYR D 82 35.83 21.43 -12.53
CA TYR D 82 34.68 21.58 -13.45
C TYR D 82 34.84 20.70 -14.68
N LEU D 83 33.95 19.73 -14.82
CA LEU D 83 33.96 18.81 -15.94
C LEU D 83 33.00 19.14 -17.08
N GLY D 84 32.19 20.18 -16.95
CA GLY D 84 31.25 20.57 -18.01
C GLY D 84 29.80 20.48 -17.56
N GLU D 85 28.91 20.66 -18.52
CA GLU D 85 27.50 20.82 -18.32
C GLU D 85 26.82 19.77 -19.20
N VAL D 86 25.76 19.13 -18.72
CA VAL D 86 25.01 18.15 -19.53
C VAL D 86 24.12 18.81 -20.58
N THR D 87 23.76 18.05 -21.62
CA THR D 87 22.92 18.60 -22.71
C THR D 87 21.47 18.76 -22.20
N PRO D 88 20.69 19.69 -22.78
CA PRO D 88 19.32 19.79 -22.29
C PRO D 88 18.51 18.52 -22.48
N ALA D 89 18.77 17.78 -23.56
CA ALA D 89 18.12 16.50 -23.76
C ALA D 89 18.36 15.61 -22.57
N THR D 90 19.62 15.53 -22.14
CA THR D 90 20.01 14.68 -21.00
C THR D 90 19.44 15.16 -19.62
N MET D 91 19.52 16.46 -19.35
CA MET D 91 18.86 17.13 -18.20
C MET D 91 17.36 16.82 -18.08
N ASN D 92 16.64 16.82 -19.20
CA ASN D 92 15.25 16.35 -19.21
C ASN D 92 15.05 14.91 -18.83
N LYS D 93 15.92 14.02 -19.25
CA LYS D 93 15.77 12.64 -18.80
C LYS D 93 16.06 12.50 -17.29
N ILE D 94 16.96 13.31 -16.80
CA ILE D 94 17.35 13.30 -15.41
C ILE D 94 16.21 13.88 -14.57
N ASN D 95 15.55 14.90 -15.08
CA ASN D 95 14.33 15.43 -14.47
C ASN D 95 13.31 14.34 -14.19
N THR D 96 12.94 13.61 -15.22
CA THR D 96 12.12 12.42 -15.10
C THR D 96 12.60 11.43 -14.06
N ALA D 97 13.89 11.08 -14.11
CA ALA D 97 14.41 10.11 -13.17
C ALA D 97 14.35 10.60 -11.72
N LEU D 98 14.66 11.86 -11.50
CA LEU D 98 14.56 12.48 -10.21
C LEU D 98 13.13 12.48 -9.70
N ALA D 99 12.20 12.86 -10.56
CA ALA D 99 10.83 12.90 -10.16
C ALA D 99 10.41 11.49 -9.75
N THR D 100 10.84 10.49 -10.52
CA THR D 100 10.56 9.12 -10.16
C THR D 100 11.16 8.74 -8.82
N ALA D 101 12.40 9.13 -8.59
CA ALA D 101 13.07 8.86 -7.32
C ALA D 101 12.36 9.47 -6.10
N LEU D 102 11.81 10.65 -6.25
CA LEU D 102 11.16 11.32 -5.13
C LEU D 102 9.65 11.20 -5.21
N GLY D 103 9.18 10.16 -5.92
CA GLY D 103 7.78 9.77 -5.97
C GLY D 103 6.83 10.87 -6.33
N LEU D 104 7.19 11.70 -7.29
CA LEU D 104 6.26 12.70 -7.78
C LEU D 104 5.12 12.01 -8.56
N PRO D 105 3.86 12.44 -8.31
CA PRO D 105 2.72 11.67 -8.79
C PRO D 105 2.52 11.73 -10.31
N TRP D 106 1.76 10.77 -10.81
CA TRP D 106 1.36 10.71 -12.19
C TRP D 106 0.35 11.84 -12.41
N PRO D 107 0.28 12.42 -13.62
CA PRO D 107 0.96 12.05 -14.85
C PRO D 107 2.44 12.49 -14.89
N MET E 3 10.60 -4.85 9.84
CA MET E 3 9.68 -3.65 9.85
C MET E 3 8.70 -3.57 8.68
N ASN E 4 7.45 -3.24 9.00
CA ASN E 4 6.42 -2.91 7.99
C ASN E 4 6.89 -1.69 7.16
N ALA E 5 6.99 -1.87 5.84
CA ALA E 5 7.63 -0.90 4.93
C ALA E 5 6.96 0.48 5.00
N PRO E 6 7.76 1.53 5.20
CA PRO E 6 7.16 2.84 5.40
C PRO E 6 6.81 3.44 4.06
N LEU E 7 5.97 4.46 4.06
CA LEU E 7 5.36 4.95 2.86
C LEU E 7 5.56 6.44 2.74
N ARG E 8 5.70 6.88 1.50
CA ARG E 8 5.73 8.28 1.18
C ARG E 8 4.55 8.99 1.86
N GLY E 9 4.76 10.16 2.43
CA GLY E 9 3.74 10.86 3.18
C GLY E 9 3.69 10.61 4.67
N GLN E 10 4.34 9.56 5.16
CA GLN E 10 4.34 9.29 6.58
C GLN E 10 5.39 10.09 7.29
N VAL E 11 5.09 10.48 8.51
CA VAL E 11 6.02 11.17 9.37
C VAL E 11 6.45 10.23 10.47
N TYR E 12 7.77 10.16 10.71
CA TYR E 12 8.32 9.39 11.79
C TYR E 12 9.21 10.27 12.65
N ARG E 13 9.23 9.98 13.94
CA ARG E 13 10.14 10.63 14.89
C ARG E 13 11.49 9.91 14.68
N CYS E 14 12.61 10.65 14.54
CA CYS E 14 13.95 10.05 14.43
C CYS E 14 15.01 10.86 15.14
N ASP E 15 15.81 10.19 15.99
CA ASP E 15 16.96 10.79 16.67
C ASP E 15 18.25 10.44 15.90
N LEU E 16 18.92 11.48 15.39
CA LEU E 16 20.18 11.33 14.66
C LEU E 16 21.39 11.71 15.54
N GLY E 17 21.23 11.53 16.86
CA GLY E 17 22.25 11.89 17.85
C GLY E 17 22.10 13.27 18.49
N TYR E 18 21.13 14.08 18.04
CA TYR E 18 20.97 15.46 18.53
C TYR E 18 19.52 15.72 18.93
N GLY E 19 18.85 14.68 19.43
CA GLY E 19 17.43 14.77 19.80
C GLY E 19 16.44 14.32 18.72
N ALA E 20 15.27 13.83 19.18
CA ALA E 20 14.26 13.22 18.34
C ALA E 20 13.52 14.31 17.63
N LYS E 21 13.31 14.12 16.34
CA LYS E 21 12.62 15.12 15.54
C LYS E 21 11.76 14.37 14.54
N PRO E 22 10.70 15.02 14.04
CA PRO E 22 9.83 14.43 13.03
C PRO E 22 10.37 14.56 11.56
N TRP E 23 10.29 13.47 10.81
CA TRP E 23 10.70 13.47 9.41
C TRP E 23 9.60 12.98 8.52
N LEU E 24 9.45 13.65 7.38
CA LEU E 24 8.49 13.31 6.37
C LEU E 24 9.16 12.53 5.23
N ILE E 25 8.65 11.35 4.90
CA ILE E 25 9.22 10.53 3.81
C ILE E 25 8.81 11.07 2.43
N VAL E 26 9.78 11.25 1.54
CA VAL E 26 9.49 11.71 0.18
C VAL E 26 9.94 10.74 -0.91
N SER E 27 10.77 9.75 -0.56
CA SER E 27 11.19 8.72 -1.56
C SER E 27 10.00 7.89 -2.00
N ASN E 28 10.06 7.37 -3.21
CA ASN E 28 8.97 6.56 -3.74
C ASN E 28 8.84 5.23 -3.00
N ASN E 29 7.65 4.65 -3.04
CA ASN E 29 7.35 3.46 -2.20
C ASN E 29 8.03 2.18 -2.58
N ALA E 30 8.47 2.05 -3.84
CA ALA E 30 9.29 0.93 -4.28
C ALA E 30 10.63 0.97 -3.61
N ARG E 31 11.26 2.14 -3.67
CA ARG E 31 12.51 2.36 -2.95
C ARG E 31 12.33 2.00 -1.47
N ASN E 32 11.26 2.51 -0.89
CA ASN E 32 10.95 2.27 0.51
C ASN E 32 10.71 0.81 0.88
N ARG E 33 10.25 -0.01 -0.07
CA ARG E 33 10.04 -1.46 0.18
C ARG E 33 11.35 -2.25 0.23
N HIS E 34 12.20 -2.10 -0.77
CA HIS E 34 13.34 -2.97 -1.02
C HIS E 34 14.73 -2.52 -0.52
N THR E 35 14.91 -1.22 -0.33
CA THR E 35 16.19 -0.59 0.01
C THR E 35 16.26 -0.44 1.54
N ALA E 36 17.46 -0.34 2.11
CA ALA E 36 17.57 -0.17 3.56
C ALA E 36 17.29 1.28 4.04
N ASP E 37 16.86 2.19 3.15
CA ASP E 37 16.88 3.63 3.37
C ASP E 37 15.72 4.39 2.78
N VAL E 38 15.33 5.47 3.44
CA VAL E 38 14.34 6.35 2.87
C VAL E 38 14.95 7.71 2.70
N VAL E 39 14.38 8.49 1.81
CA VAL E 39 14.72 9.90 1.66
C VAL E 39 13.60 10.74 2.34
N ALA E 40 13.98 11.67 3.20
CA ALA E 40 13.05 12.48 3.95
C ALA E 40 13.48 13.92 4.15
N VAL E 41 12.49 14.73 4.53
CA VAL E 41 12.69 16.11 4.92
C VAL E 41 12.16 16.24 6.34
N ARG E 42 12.76 17.09 7.15
CA ARG E 42 12.28 17.21 8.51
C ARG E 42 11.38 18.39 8.75
N LEU E 43 10.52 18.24 9.73
CA LEU E 43 9.59 19.29 10.12
C LEU E 43 10.28 20.00 11.24
N THR E 44 10.50 21.30 11.07
CA THR E 44 11.06 22.19 12.10
C THR E 44 9.97 23.13 12.67
N THR E 45 10.35 23.99 13.64
CA THR E 45 9.43 24.93 14.31
C THR E 45 9.92 26.40 14.33
N PRO E 51 8.66 31.78 4.28
CA PRO E 51 9.16 32.07 2.92
C PRO E 51 8.90 30.91 1.88
N THR E 52 9.95 30.25 1.36
CA THR E 52 9.83 29.07 0.43
C THR E 52 9.20 27.81 1.05
N TRP E 53 9.16 27.75 2.38
CA TRP E 53 8.91 26.52 3.11
C TRP E 53 7.42 26.18 3.05
N VAL E 54 7.10 24.95 3.42
CA VAL E 54 5.73 24.51 3.46
C VAL E 54 5.34 24.34 4.92
N ALA E 55 4.24 24.97 5.28
CA ALA E 55 3.63 24.78 6.60
C ALA E 55 2.72 23.54 6.57
N MET E 56 2.80 22.69 7.60
CA MET E 56 1.66 21.85 8.01
C MET E 56 0.72 22.96 8.51
N GLY E 57 -0.60 22.95 8.30
CA GLY E 57 -1.44 21.79 8.06
C GLY E 57 -2.33 21.51 9.28
N PRO E 58 -3.48 22.20 9.44
CA PRO E 58 -4.35 21.96 10.61
C PRO E 58 -4.95 20.55 10.69
N SER E 59 -5.15 19.91 9.54
CA SER E 59 -5.57 18.52 9.50
C SER E 59 -4.37 17.55 9.44
N ASP E 60 -3.15 18.10 9.37
CA ASP E 60 -1.93 17.28 9.35
C ASP E 60 -1.59 16.82 10.79
N PRO E 61 -0.83 15.72 10.93
CA PRO E 61 -0.59 15.08 12.25
C PRO E 61 0.26 15.87 13.29
N LEU E 62 1.07 16.82 12.85
CA LEU E 62 1.77 17.72 13.77
C LEU E 62 1.87 19.11 13.19
N THR E 63 2.34 20.03 14.02
CA THR E 63 2.64 21.38 13.60
C THR E 63 4.09 21.42 13.08
N GLY E 64 4.42 22.46 12.31
CA GLY E 64 5.78 22.65 11.85
C GLY E 64 5.90 22.93 10.37
N TYR E 65 7.15 23.03 9.93
CA TYR E 65 7.46 23.53 8.62
C TYR E 65 8.50 22.67 7.93
N VAL E 66 8.31 22.50 6.63
CA VAL E 66 9.16 21.68 5.78
C VAL E 66 10.06 22.55 4.93
N ASN E 67 11.36 22.35 5.07
CA ASN E 67 12.30 22.90 4.13
C ASN E 67 12.72 21.85 3.05
N ALA E 68 12.08 21.94 1.89
CA ALA E 68 12.42 21.05 0.75
C ALA E 68 13.86 21.14 0.25
N ASP E 69 14.56 22.22 0.57
CA ASP E 69 15.99 22.35 0.24
C ASP E 69 16.88 21.36 1.00
N ASN E 70 16.40 20.77 2.09
CA ASN E 70 17.24 19.95 2.93
C ASN E 70 16.67 18.56 2.95
N ILE E 71 17.06 17.83 1.93
CA ILE E 71 16.66 16.46 1.78
C ILE E 71 17.80 15.65 2.38
N GLU E 72 17.48 14.53 3.02
CA GLU E 72 18.48 13.66 3.63
C GLU E 72 17.98 12.26 3.46
N THR E 73 18.87 11.33 3.73
CA THR E 73 18.58 9.92 3.68
C THR E 73 18.62 9.28 5.08
N LEU E 74 17.53 8.66 5.53
CA LEU E 74 17.45 8.04 6.83
C LEU E 74 17.43 6.55 6.64
N GLY E 75 18.22 5.81 7.39
CA GLY E 75 18.14 4.35 7.40
C GLY E 75 16.84 3.90 8.03
N LYS E 76 16.27 2.82 7.51
CA LYS E 76 15.00 2.31 8.09
C LYS E 76 15.09 1.90 9.58
N ASP E 77 16.27 1.42 9.97
CA ASP E 77 16.65 1.16 11.36
C ASP E 77 16.84 2.40 12.25
N GLU E 78 16.69 3.61 11.71
CA GLU E 78 16.74 4.85 12.48
C GLU E 78 15.35 5.45 12.62
N LEU E 79 14.36 4.83 11.98
CA LEU E 79 13.03 5.36 12.10
C LEU E 79 12.46 5.02 13.49
N GLY E 80 11.82 6.01 14.13
CA GLY E 80 11.22 5.83 15.44
C GLY E 80 9.72 5.57 15.38
N ASP E 81 8.98 6.34 16.16
CA ASP E 81 7.54 6.15 16.27
C ASP E 81 6.83 6.73 15.06
N TYR E 82 5.78 6.05 14.65
CA TYR E 82 4.93 6.52 13.59
C TYR E 82 4.06 7.64 14.14
N LEU E 83 4.18 8.84 13.58
CA LEU E 83 3.44 10.05 14.00
C LEU E 83 2.22 10.36 13.12
N GLY E 84 1.97 9.54 12.11
CA GLY E 84 0.85 9.76 11.23
C GLY E 84 1.23 10.08 9.79
N GLU E 85 0.20 10.42 9.02
CA GLU E 85 0.29 10.57 7.60
C GLU E 85 -0.16 11.98 7.27
N VAL E 86 0.51 12.61 6.34
CA VAL E 86 0.23 13.98 5.98
C VAL E 86 -0.99 14.03 5.03
N THR E 87 -1.70 15.15 5.00
CA THR E 87 -2.90 15.24 4.14
C THR E 87 -2.46 15.28 2.68
N PRO E 88 -3.31 14.74 1.77
CA PRO E 88 -3.07 14.91 0.33
C PRO E 88 -3.00 16.38 -0.13
N ALA E 89 -3.67 17.31 0.57
CA ALA E 89 -3.54 18.72 0.23
C ALA E 89 -2.14 19.27 0.52
N THR E 90 -1.60 18.93 1.69
CA THR E 90 -0.30 19.45 2.09
C THR E 90 0.83 18.73 1.26
N MET E 91 0.64 17.43 1.02
CA MET E 91 1.50 16.67 0.13
C MET E 91 1.61 17.26 -1.25
N ASN E 92 0.52 17.80 -1.77
CA ASN E 92 0.59 18.46 -3.06
C ASN E 92 1.46 19.72 -3.01
N LYS E 93 1.45 20.40 -1.86
CA LYS E 93 2.38 21.54 -1.64
C LYS E 93 3.84 21.04 -1.45
N ILE E 94 4.03 19.89 -0.83
CA ILE E 94 5.36 19.34 -0.68
C ILE E 94 5.97 18.88 -2.01
N ASN E 95 5.14 18.26 -2.85
CA ASN E 95 5.54 17.89 -4.20
C ASN E 95 5.99 19.09 -4.97
N THR E 96 5.20 20.17 -4.87
CA THR E 96 5.49 21.45 -5.52
C THR E 96 6.80 22.05 -5.02
N ALA E 97 7.03 22.00 -3.71
CA ALA E 97 8.28 22.54 -3.18
C ALA E 97 9.51 21.66 -3.50
N LEU E 98 9.36 20.33 -3.45
CA LEU E 98 10.45 19.42 -3.91
C LEU E 98 10.84 19.71 -5.35
N ALA E 99 9.86 19.85 -6.24
CA ALA E 99 10.15 20.10 -7.66
C ALA E 99 10.85 21.44 -7.89
N THR E 100 10.38 22.49 -7.22
CA THR E 100 11.08 23.78 -7.22
C THR E 100 12.50 23.63 -6.63
N ALA E 101 12.63 23.01 -5.47
CA ALA E 101 13.94 22.84 -4.89
C ALA E 101 14.96 22.15 -5.84
N LEU E 102 14.48 21.19 -6.63
CA LEU E 102 15.31 20.39 -7.53
C LEU E 102 15.17 20.71 -9.03
N GLY E 103 14.62 21.87 -9.38
CA GLY E 103 14.43 22.25 -10.80
C GLY E 103 13.70 21.25 -11.67
N LEU E 104 12.68 20.59 -11.12
CA LEU E 104 11.89 19.63 -11.87
C LEU E 104 10.71 20.32 -12.54
N PRO E 105 10.43 19.97 -13.82
CA PRO E 105 9.21 20.52 -14.40
C PRO E 105 7.97 19.93 -13.72
N TRP E 106 7.17 20.80 -13.11
CA TRP E 106 5.92 20.43 -12.47
C TRP E 106 4.81 21.32 -13.06
N PRO E 107 3.79 20.71 -13.72
CA PRO E 107 2.82 21.50 -14.48
C PRO E 107 2.18 22.63 -13.65
N MET F 1 -8.58 0.82 -33.64
CA MET F 1 -9.54 1.93 -33.39
C MET F 1 -10.98 1.44 -33.24
N THR F 2 -11.31 0.29 -33.81
CA THR F 2 -12.59 -0.42 -33.52
C THR F 2 -12.35 -1.38 -32.33
N VAL F 3 -13.12 -1.23 -31.25
CA VAL F 3 -12.93 -1.95 -29.97
C VAL F 3 -14.20 -2.74 -29.63
N ARG F 4 -13.98 -3.94 -29.09
CA ARG F 4 -15.02 -4.95 -28.92
C ARG F 4 -15.10 -5.34 -27.45
N LEU F 5 -16.27 -5.07 -26.86
CA LEU F 5 -16.51 -5.26 -25.46
C LEU F 5 -17.64 -6.25 -25.20
N ASP F 6 -17.31 -7.34 -24.50
CA ASP F 6 -18.31 -8.21 -23.88
C ASP F 6 -19.16 -7.41 -22.87
N GLN F 7 -20.28 -7.97 -22.43
CA GLN F 7 -21.34 -7.14 -21.84
C GLN F 7 -21.05 -6.67 -20.43
N GLN F 8 -20.34 -7.47 -19.65
CA GLN F 8 -19.94 -7.04 -18.31
C GLN F 8 -18.85 -5.96 -18.36
N THR F 9 -18.00 -5.99 -19.38
CA THR F 9 -16.98 -4.99 -19.58
C THR F 9 -17.61 -3.66 -20.03
N ARG F 10 -18.56 -3.73 -20.95
CA ARG F 10 -19.24 -2.55 -21.45
C ARG F 10 -20.14 -1.98 -20.32
N GLN F 11 -20.74 -2.84 -19.53
CA GLN F 11 -21.50 -2.37 -18.38
C GLN F 11 -20.54 -1.64 -17.39
N ARG F 12 -19.31 -2.15 -17.24
CA ARG F 12 -18.31 -1.48 -16.41
C ARG F 12 -17.80 -0.14 -17.01
N LEU F 13 -17.65 -0.09 -18.33
CA LEU F 13 -17.30 1.19 -18.95
C LEU F 13 -18.34 2.26 -18.63
N GLN F 14 -19.61 1.90 -18.71
CA GLN F 14 -20.70 2.79 -18.32
C GLN F 14 -20.70 3.19 -16.83
N ASP F 15 -20.44 2.26 -15.89
CA ASP F 15 -20.28 2.63 -14.45
C ASP F 15 -19.24 3.76 -14.22
N ILE F 16 -18.10 3.66 -14.89
CA ILE F 16 -17.01 4.60 -14.71
C ILE F 16 -17.22 5.91 -15.46
N VAL F 17 -17.88 5.85 -16.62
CA VAL F 17 -18.35 7.04 -17.32
C VAL F 17 -19.31 7.85 -16.42
N LYS F 18 -20.36 7.20 -15.92
CA LYS F 18 -21.32 7.84 -15.01
C LYS F 18 -20.67 8.36 -13.75
N GLY F 19 -19.50 7.82 -13.39
CA GLY F 19 -18.72 8.34 -12.27
C GLY F 19 -17.98 9.68 -12.42
N GLY F 20 -18.07 10.33 -13.58
CA GLY F 20 -17.43 11.65 -13.79
C GLY F 20 -16.59 11.83 -15.06
N TYR F 21 -16.29 10.75 -15.80
CA TYR F 21 -15.69 10.92 -17.13
C TYR F 21 -16.65 11.59 -18.12
N ARG F 22 -16.03 12.20 -19.12
CA ARG F 22 -16.68 13.10 -20.07
C ARG F 22 -17.41 12.30 -21.14
N SER F 23 -16.80 11.18 -21.53
CA SER F 23 -17.33 10.25 -22.54
C SER F 23 -16.71 8.86 -22.39
N ALA F 24 -17.21 7.96 -23.22
CA ALA F 24 -16.62 6.62 -23.31
C ALA F 24 -15.14 6.71 -23.74
N ASN F 25 -14.90 7.54 -24.74
CA ASN F 25 -13.54 7.74 -25.24
C ASN F 25 -12.53 8.17 -24.17
N ALA F 26 -12.94 9.12 -23.35
CA ALA F 26 -12.07 9.72 -22.33
C ALA F 26 -11.74 8.67 -21.24
N ALA F 27 -12.76 7.94 -20.79
CA ALA F 27 -12.58 6.80 -19.86
C ALA F 27 -11.60 5.73 -20.34
N ILE F 28 -11.71 5.29 -21.58
CA ILE F 28 -10.83 4.24 -22.12
C ILE F 28 -9.41 4.72 -22.24
N VAL F 29 -9.28 5.96 -22.71
CA VAL F 29 -8.01 6.68 -22.70
C VAL F 29 -7.39 6.72 -21.29
N ASP F 30 -8.19 7.04 -20.29
CA ASP F 30 -7.69 7.06 -18.95
C ASP F 30 -7.37 5.66 -18.38
N ALA F 31 -8.22 4.68 -18.66
CA ALA F 31 -7.92 3.32 -18.24
C ALA F 31 -6.63 2.83 -18.93
N ILE F 32 -6.38 3.21 -20.19
CA ILE F 32 -5.14 2.75 -20.83
C ILE F 32 -3.96 3.41 -20.15
N ASN F 33 -4.03 4.72 -19.97
CA ASN F 33 -2.94 5.44 -19.29
C ASN F 33 -2.70 4.99 -17.87
N LYS F 34 -3.75 4.73 -17.12
CA LYS F 34 -3.60 4.22 -15.77
C LYS F 34 -3.04 2.81 -15.72
N ARG F 35 -3.44 1.95 -16.64
CA ARG F 35 -2.86 0.63 -16.73
C ARG F 35 -1.37 0.71 -16.99
N TRP F 36 -0.99 1.60 -17.91
CA TRP F 36 0.44 1.75 -18.24
C TRP F 36 1.21 2.21 -17.00
N GLU F 37 0.61 3.16 -16.28
CA GLU F 37 1.26 3.71 -15.10
C GLU F 37 1.41 2.63 -14.06
N ALA F 38 0.36 1.84 -13.88
CA ALA F 38 0.40 0.73 -12.96
C ALA F 38 1.52 -0.26 -13.38
N LEU F 39 1.64 -0.58 -14.66
CA LEU F 39 2.73 -1.52 -15.07
C LEU F 39 4.11 -0.89 -14.95
N HIS F 40 4.21 0.42 -15.15
CA HIS F 40 5.48 1.12 -14.91
C HIS F 40 5.90 1.05 -13.42
N ASP F 41 4.96 1.17 -12.48
CA ASP F 41 5.31 1.02 -11.07
C ASP F 41 5.72 -0.43 -10.69
N GLU F 42 5.15 -1.44 -11.35
CA GLU F 42 5.55 -2.85 -11.13
C GLU F 42 6.99 -3.02 -11.60
N GLN F 43 7.31 -2.47 -12.77
CA GLN F 43 8.66 -2.56 -13.33
C GLN F 43 9.70 -1.82 -12.48
N LEU F 44 9.33 -0.65 -11.96
CA LEU F 44 10.21 0.09 -11.04
C LEU F 44 10.42 -0.73 -9.75
N ASP F 45 9.35 -1.29 -9.21
CA ASP F 45 9.46 -2.22 -8.08
C ASP F 45 10.43 -3.41 -8.38
N ALA F 46 10.36 -3.96 -9.58
CA ALA F 46 11.18 -5.14 -9.96
C ALA F 46 12.63 -4.75 -10.12
N ALA F 47 12.85 -3.58 -10.73
CA ALA F 47 14.20 -3.03 -10.85
C ALA F 47 14.88 -2.78 -9.48
N TYR F 48 14.14 -2.31 -8.46
CA TYR F 48 14.77 -2.05 -7.15
C TYR F 48 15.14 -3.37 -6.48
N ALA F 49 14.27 -4.37 -6.64
CA ALA F 49 14.56 -5.72 -6.14
C ALA F 49 15.83 -6.26 -6.77
N ALA F 50 15.90 -6.25 -8.08
CA ALA F 50 17.08 -6.69 -8.80
C ALA F 50 18.33 -5.98 -8.28
N ALA F 51 18.39 -4.64 -8.44
CA ALA F 51 19.54 -3.85 -7.90
C ALA F 51 19.94 -4.23 -6.48
N ILE F 52 18.97 -4.49 -5.61
CA ILE F 52 19.23 -4.88 -4.21
C ILE F 52 19.77 -6.32 -4.07
N HIS F 53 19.27 -7.20 -4.93
CA HIS F 53 19.74 -8.57 -4.96
C HIS F 53 21.21 -8.59 -5.34
N ASP F 54 21.56 -7.84 -6.39
CA ASP F 54 22.92 -7.66 -6.84
C ASP F 54 23.81 -6.80 -5.92
N ASN F 55 23.24 -5.74 -5.33
CA ASN F 55 23.97 -4.81 -4.47
C ASN F 55 23.12 -4.44 -3.27
N PRO F 56 23.31 -5.12 -2.12
CA PRO F 56 22.46 -4.86 -0.97
C PRO F 56 22.54 -3.45 -0.36
N ALA F 57 23.49 -2.62 -0.79
CA ALA F 57 23.59 -1.24 -0.32
C ALA F 57 23.06 -0.20 -1.32
N TYR F 58 22.37 -0.63 -2.38
CA TYR F 58 21.84 0.30 -3.36
C TYR F 58 21.02 1.34 -2.59
N PRO F 59 21.17 2.61 -2.95
CA PRO F 59 21.84 3.19 -4.11
C PRO F 59 23.30 3.58 -3.94
N TYR F 60 23.87 3.19 -2.81
CA TYR F 60 25.28 3.35 -2.52
C TYR F 60 26.04 2.14 -3.12
N GLU F 61 27.22 2.39 -3.68
CA GLU F 61 28.01 1.32 -4.31
C GLU F 61 28.65 0.37 -3.30
N SER F 62 28.88 0.80 -2.06
CA SER F 62 29.40 -0.06 -0.96
C SER F 62 28.87 0.41 0.40
N GLU F 63 29.00 -0.43 1.43
CA GLU F 63 28.65 -0.03 2.79
C GLU F 63 29.47 1.16 3.31
N ALA F 64 30.68 1.33 2.79
CA ALA F 64 31.56 2.46 3.10
C ALA F 64 30.97 3.76 2.60
N GLU F 65 30.49 3.79 1.36
CA GLU F 65 29.76 4.93 0.82
C GLU F 65 28.59 5.40 1.72
N ARG F 66 27.82 4.44 2.23
CA ARG F 66 26.67 4.74 3.11
C ARG F 66 27.14 5.42 4.41
N SER F 67 28.24 4.92 4.96
CA SER F 67 28.80 5.41 6.21
C SER F 67 29.22 6.85 6.07
N ALA F 68 30.04 7.12 5.06
CA ALA F 68 30.42 8.46 4.73
C ALA F 68 29.18 9.39 4.66
N ALA F 69 28.15 8.96 3.91
CA ALA F 69 26.92 9.76 3.72
C ALA F 69 26.21 10.02 5.05
N ARG F 70 26.14 8.99 5.90
CA ARG F 70 25.59 9.12 7.26
C ARG F 70 26.34 10.10 8.13
N ALA F 71 27.68 9.98 8.13
CA ALA F 71 28.53 10.87 8.94
C ALA F 71 28.39 12.29 8.51
N ARG F 72 28.33 12.53 7.19
CA ARG F 72 28.14 13.90 6.70
C ARG F 72 26.73 14.46 7.06
N ARG F 73 25.73 13.59 7.01
CA ARG F 73 24.39 13.97 7.41
C ARG F 73 24.39 14.38 8.89
N ASN F 74 24.99 13.56 9.75
CA ASN F 74 25.09 13.82 11.19
C ASN F 74 25.84 15.10 11.51
N ALA F 75 26.95 15.32 10.84
CA ALA F 75 27.63 16.62 10.89
C ALA F 75 26.73 17.81 10.61
N ARG F 76 25.84 17.67 9.61
CA ARG F 76 24.92 18.73 9.26
C ARG F 76 23.83 18.95 10.33
N GLN F 77 23.48 17.90 11.08
CA GLN F 77 22.42 17.99 12.10
C GLN F 77 23.00 18.64 13.36
N GLN F 78 24.18 18.16 13.78
CA GLN F 78 25.03 18.86 14.76
C GLN F 78 25.11 20.35 14.52
N ARG F 79 25.37 20.74 13.28
CA ARG F 79 25.60 22.14 12.93
C ARG F 79 24.32 23.01 13.08
N SER F 80 23.18 22.45 12.69
CA SER F 80 21.87 23.12 12.89
C SER F 80 21.52 23.31 14.38
N ALA F 81 21.99 22.39 15.23
CA ALA F 81 21.76 22.41 16.68
C ALA F 81 22.52 23.53 17.41
#